data_2DWY
#
_entry.id   2DWY
#
_cell.length_a   47.482
_cell.length_b   88.238
_cell.length_c   67.224
_cell.angle_alpha   90.00
_cell.angle_beta   96.10
_cell.angle_gamma   90.00
#
_symmetry.space_group_name_H-M   'P 1 21 1'
#
loop_
_entity.id
_entity.type
_entity.pdbx_description
1 polymer 'ADP-RIBOSYLATION FACTOR BINDING PROTEIN GGA1'
2 water water
#
_entity_poly.entity_id   1
_entity_poly.type   'polypeptide(L)'
_entity_poly.pdbx_seq_one_letter_code
;IKPSNILPVTVYDQHGFRILFHFARDPLPGRSDVLVVVVSMLSTAPQPIRNIVFQSAVPKVMKVKLQPPSGTELPAFNPI
VHPSAITQVLLLANPQKEKVRLRYKLTFTMGDQTYNEMGDVDQFPPPETWGSL
;
_entity_poly.pdbx_strand_id   A,B,C,D
#
# COMPACT_ATOMS: atom_id res chain seq x y z
N ASN A 5 -22.31 14.04 3.18
CA ASN A 5 -21.76 13.71 4.54
C ASN A 5 -20.51 12.78 4.47
N ILE A 6 -20.73 11.48 4.29
CA ILE A 6 -19.64 10.49 4.14
C ILE A 6 -19.23 10.48 2.68
N LEU A 7 -17.96 10.75 2.44
CA LEU A 7 -17.45 10.93 1.10
C LEU A 7 -16.57 9.73 0.76
N PRO A 8 -16.37 9.49 -0.54
CA PRO A 8 -15.40 8.50 -1.01
C PRO A 8 -14.03 8.84 -0.48
N VAL A 9 -13.24 7.84 -0.14
CA VAL A 9 -11.87 8.09 0.24
C VAL A 9 -10.92 7.57 -0.86
N THR A 10 -9.97 8.41 -1.20
CA THR A 10 -8.95 8.11 -2.18
C THR A 10 -7.92 7.21 -1.59
N VAL A 11 -7.78 6.01 -2.14
CA VAL A 11 -6.72 5.10 -1.72
C VAL A 11 -5.49 5.21 -2.63
N TYR A 12 -5.72 5.46 -3.91
CA TYR A 12 -4.61 5.69 -4.83
C TYR A 12 -4.97 6.76 -5.84
N ASP A 13 -4.03 7.64 -6.14
CA ASP A 13 -4.27 8.70 -7.12
C ASP A 13 -2.96 9.21 -7.77
N GLN A 14 -2.54 8.56 -8.83
CA GLN A 14 -1.31 8.92 -9.50
C GLN A 14 -1.40 8.58 -10.98
N HIS A 15 -0.76 9.43 -11.79
CA HIS A 15 -0.65 9.25 -13.24
C HIS A 15 -2.00 9.27 -13.94
N GLY A 16 -3.07 9.64 -13.24
CA GLY A 16 -4.42 9.50 -13.77
C GLY A 16 -5.17 8.23 -13.37
N PHE A 17 -4.51 7.31 -12.65
CA PHE A 17 -5.12 6.06 -12.13
C PHE A 17 -5.63 6.32 -10.70
N ARG A 18 -6.93 6.18 -10.51
CA ARG A 18 -7.56 6.50 -9.24
C ARG A 18 -8.30 5.30 -8.64
N ILE A 19 -7.95 4.92 -7.43
CA ILE A 19 -8.74 3.90 -6.72
C ILE A 19 -9.44 4.51 -5.52
N LEU A 20 -10.76 4.50 -5.54
CA LEU A 20 -11.56 5.09 -4.47
C LEU A 20 -12.35 4.04 -3.72
N PHE A 21 -12.55 4.25 -2.43
CA PHE A 21 -13.50 3.45 -1.66
C PHE A 21 -14.77 4.26 -1.53
N HIS A 22 -15.89 3.74 -2.03
CA HIS A 22 -17.24 4.29 -1.79
C HIS A 22 -18.03 3.48 -0.75
N PHE A 23 -18.49 4.16 0.29
CA PHE A 23 -19.19 3.47 1.37
C PHE A 23 -20.66 3.47 1.10
N ALA A 24 -21.29 2.35 1.40
CA ALA A 24 -22.73 2.25 1.29
C ALA A 24 -23.25 1.19 2.24
N ARG A 25 -24.57 1.16 2.39
CA ARG A 25 -25.26 -0.01 2.94
C ARG A 25 -26.21 -0.59 1.86
N ASP A 26 -26.67 -1.82 2.06
CA ASP A 26 -27.70 -2.36 1.15
C ASP A 26 -28.90 -1.41 1.14
N PRO A 27 -29.44 -1.15 -0.06
CA PRO A 27 -30.50 -0.15 -0.25
C PRO A 27 -31.87 -0.58 0.32
N LEU A 28 -31.98 -1.87 0.69
CA LEU A 28 -33.15 -2.37 1.38
C LEU A 28 -32.83 -2.38 2.89
N PRO A 29 -33.82 -2.01 3.72
CA PRO A 29 -33.61 -1.89 5.19
C PRO A 29 -32.97 -3.12 5.83
N GLY A 30 -31.64 -3.15 5.86
CA GLY A 30 -30.86 -4.29 6.32
C GLY A 30 -30.12 -3.99 7.62
N ARG A 31 -29.07 -4.76 7.88
CA ARG A 31 -28.35 -4.70 9.16
C ARG A 31 -27.29 -3.58 9.19
N SER A 32 -27.27 -2.86 10.31
CA SER A 32 -26.28 -1.82 10.55
C SER A 32 -24.97 -2.35 11.16
N ASP A 33 -24.62 -3.60 10.85
CA ASP A 33 -23.35 -4.22 11.26
C ASP A 33 -22.48 -4.67 10.07
N VAL A 34 -22.92 -4.36 8.85
CA VAL A 34 -22.15 -4.65 7.62
C VAL A 34 -22.00 -3.41 6.71
N LEU A 35 -20.78 -3.17 6.26
CA LEU A 35 -20.45 -2.04 5.39
C LEU A 35 -20.19 -2.55 3.98
N VAL A 36 -20.84 -1.90 3.01
CA VAL A 36 -20.61 -2.20 1.61
C VAL A 36 -19.59 -1.21 1.08
N VAL A 37 -18.39 -1.70 0.78
CA VAL A 37 -17.32 -0.87 0.25
C VAL A 37 -17.24 -1.15 -1.22
N VAL A 38 -17.60 -0.16 -2.03
CA VAL A 38 -17.49 -0.29 -3.47
C VAL A 38 -16.18 0.40 -3.88
N VAL A 39 -15.26 -0.41 -4.42
CA VAL A 39 -13.95 0.03 -4.92
C VAL A 39 -14.07 0.34 -6.42
N SER A 40 -13.87 1.61 -6.77
CA SER A 40 -13.83 2.04 -8.17
C SER A 40 -12.40 2.31 -8.56
N MET A 41 -12.03 1.82 -9.73
CA MET A 41 -10.74 2.04 -10.32
C MET A 41 -10.99 2.61 -11.71
N LEU A 42 -10.66 3.88 -11.89
CA LEU A 42 -10.88 4.58 -13.15
C LEU A 42 -9.56 5.11 -13.63
N SER A 43 -9.23 4.92 -14.89
CA SER A 43 -8.02 5.54 -15.40
C SER A 43 -8.30 6.59 -16.44
N THR A 44 -7.63 7.71 -16.26
CA THR A 44 -7.54 8.74 -17.27
C THR A 44 -6.08 8.90 -17.73
N ALA A 45 -5.24 7.93 -17.39
CA ALA A 45 -3.85 7.90 -17.82
C ALA A 45 -3.72 7.72 -19.34
N PRO A 46 -2.67 8.26 -19.94
CA PRO A 46 -2.48 8.14 -21.39
C PRO A 46 -1.95 6.77 -21.83
N GLN A 47 -1.54 5.91 -20.90
CA GLN A 47 -1.11 4.54 -21.22
C GLN A 47 -2.03 3.49 -20.56
N PRO A 48 -2.15 2.31 -21.14
CA PRO A 48 -2.94 1.23 -20.52
C PRO A 48 -2.39 0.83 -19.14
N ILE A 49 -3.28 0.47 -18.21
CA ILE A 49 -2.89 -0.09 -16.91
C ILE A 49 -3.17 -1.60 -17.04
N ARG A 50 -2.18 -2.45 -16.80
CA ARG A 50 -2.36 -3.89 -16.91
C ARG A 50 -1.92 -4.64 -15.65
N ASN A 51 -2.30 -5.91 -15.58
CA ASN A 51 -1.98 -6.78 -14.46
C ASN A 51 -2.27 -6.11 -13.11
N ILE A 52 -3.45 -5.48 -12.99
CA ILE A 52 -3.90 -4.88 -11.72
C ILE A 52 -4.27 -5.92 -10.67
N VAL A 53 -3.55 -5.88 -9.57
CA VAL A 53 -3.78 -6.73 -8.42
C VAL A 53 -4.06 -5.78 -7.26
N PHE A 54 -5.25 -5.86 -6.71
CA PHE A 54 -5.59 -5.10 -5.54
C PHE A 54 -6.17 -6.05 -4.51
N GLN A 55 -5.38 -6.38 -3.49
CA GLN A 55 -5.81 -7.28 -2.42
C GLN A 55 -6.04 -6.48 -1.16
N SER A 56 -6.92 -6.99 -0.32
CA SER A 56 -7.27 -6.36 0.95
C SER A 56 -7.27 -7.37 2.11
N ALA A 57 -6.91 -6.87 3.28
CA ALA A 57 -6.89 -7.62 4.51
C ALA A 57 -7.43 -6.72 5.61
N VAL A 58 -8.17 -7.31 6.55
CA VAL A 58 -8.68 -6.62 7.73
C VAL A 58 -8.55 -7.50 8.98
N PRO A 59 -8.45 -6.88 10.15
CA PRO A 59 -8.30 -7.61 11.41
C PRO A 59 -9.18 -8.86 11.56
N LYS A 60 -8.73 -9.80 12.38
CA LYS A 60 -9.39 -11.12 12.55
C LYS A 60 -10.80 -11.01 13.15
N VAL A 61 -11.03 -9.96 13.95
CA VAL A 61 -12.32 -9.72 14.62
C VAL A 61 -13.45 -9.24 13.69
N MET A 62 -13.14 -9.07 12.40
CA MET A 62 -14.13 -8.81 11.37
C MET A 62 -13.78 -9.60 10.11
N LYS A 63 -14.79 -10.12 9.42
CA LYS A 63 -14.56 -10.83 8.16
C LYS A 63 -14.53 -9.89 6.94
N VAL A 64 -13.55 -10.10 6.07
CA VAL A 64 -13.35 -9.28 4.84
C VAL A 64 -14.49 -9.41 3.81
N LYS A 65 -14.76 -10.65 3.40
CA LYS A 65 -15.71 -10.98 2.33
C LYS A 65 -15.46 -10.26 0.99
N LEU A 66 -14.27 -10.50 0.44
CA LEU A 66 -13.86 -9.92 -0.84
C LEU A 66 -14.50 -10.75 -1.93
N GLN A 67 -14.94 -10.05 -2.97
CA GLN A 67 -15.35 -10.70 -4.21
C GLN A 67 -14.38 -10.27 -5.30
N PRO A 68 -14.32 -11.05 -6.39
CA PRO A 68 -13.44 -10.72 -7.51
C PRO A 68 -13.81 -9.41 -8.21
N PRO A 69 -12.79 -8.65 -8.62
CA PRO A 69 -13.00 -7.42 -9.36
C PRO A 69 -13.54 -7.67 -10.77
N SER A 70 -14.28 -6.71 -11.29
CA SER A 70 -14.83 -6.77 -12.63
C SER A 70 -13.76 -6.98 -13.72
N GLY A 71 -12.51 -6.59 -13.42
CA GLY A 71 -11.42 -6.72 -14.36
C GLY A 71 -10.05 -6.49 -13.74
N THR A 72 -9.08 -6.43 -14.63
CA THR A 72 -7.67 -6.52 -14.30
C THR A 72 -6.79 -5.53 -15.13
N GLU A 73 -7.40 -4.88 -16.11
CA GLU A 73 -6.67 -3.96 -16.98
C GLU A 73 -7.57 -2.83 -17.39
N LEU A 74 -6.97 -1.67 -17.64
CA LEU A 74 -7.69 -0.48 -18.09
C LEU A 74 -6.98 0.11 -19.32
N PRO A 75 -7.73 0.41 -20.37
CA PRO A 75 -7.12 1.00 -21.57
C PRO A 75 -6.68 2.45 -21.40
N ALA A 76 -5.81 2.90 -22.32
CA ALA A 76 -5.39 4.29 -22.37
C ALA A 76 -6.58 5.20 -22.58
N PHE A 77 -6.63 6.25 -21.76
CA PHE A 77 -7.71 7.19 -21.85
C PHE A 77 -7.55 8.00 -23.11
N ASN A 78 -8.65 8.16 -23.81
CA ASN A 78 -8.70 8.99 -25.00
C ASN A 78 -10.02 9.79 -24.89
N PRO A 79 -9.97 11.10 -25.18
CA PRO A 79 -11.15 11.99 -25.07
C PRO A 79 -12.35 11.61 -25.90
N ILE A 80 -12.15 10.92 -27.02
CA ILE A 80 -13.26 10.46 -27.84
C ILE A 80 -14.10 9.39 -27.16
N VAL A 81 -13.45 8.49 -26.43
CA VAL A 81 -14.09 7.23 -26.05
C VAL A 81 -14.44 7.20 -24.58
N HIS A 82 -15.11 6.11 -24.20
CA HIS A 82 -15.53 5.88 -22.82
C HIS A 82 -14.36 5.44 -21.95
N PRO A 83 -14.11 6.14 -20.84
CA PRO A 83 -13.14 5.65 -19.85
C PRO A 83 -13.70 4.36 -19.27
N SER A 84 -12.84 3.36 -19.13
CA SER A 84 -13.27 2.08 -18.59
C SER A 84 -13.14 2.14 -17.07
N ALA A 85 -13.86 1.26 -16.38
CA ALA A 85 -13.77 1.19 -14.93
C ALA A 85 -13.79 -0.22 -14.39
N ILE A 86 -12.98 -0.47 -13.37
CA ILE A 86 -13.07 -1.69 -12.58
C ILE A 86 -13.88 -1.40 -11.33
N THR A 87 -14.80 -2.31 -11.01
CA THR A 87 -15.50 -2.27 -9.73
C THR A 87 -15.10 -3.49 -8.95
N GLN A 88 -15.07 -3.35 -7.64
CA GLN A 88 -14.93 -4.48 -6.74
C GLN A 88 -15.69 -4.19 -5.46
N VAL A 89 -16.43 -5.18 -4.97
CA VAL A 89 -17.28 -5.02 -3.80
C VAL A 89 -16.72 -5.82 -2.62
N LEU A 90 -16.54 -5.14 -1.51
CA LEU A 90 -16.16 -5.76 -0.25
C LEU A 90 -17.31 -5.60 0.75
N LEU A 91 -17.60 -6.67 1.49
CA LEU A 91 -18.63 -6.62 2.51
C LEU A 91 -17.91 -6.75 3.84
N LEU A 92 -17.85 -5.66 4.56
CA LEU A 92 -17.05 -5.61 5.76
C LEU A 92 -17.95 -5.90 6.97
N ALA A 93 -17.85 -7.14 7.45
CA ALA A 93 -18.67 -7.62 8.55
C ALA A 93 -17.94 -7.38 9.87
N ASN A 94 -18.41 -6.41 10.63
CA ASN A 94 -17.73 -5.96 11.84
C ASN A 94 -18.73 -5.84 12.98
N PRO A 95 -19.21 -6.99 13.47
CA PRO A 95 -20.22 -7.03 14.53
C PRO A 95 -19.72 -6.57 15.90
N GLN A 96 -18.42 -6.72 16.17
CA GLN A 96 -17.82 -6.26 17.43
C GLN A 96 -17.64 -4.74 17.41
N LYS A 97 -17.80 -4.17 16.21
CA LYS A 97 -17.82 -2.73 15.97
C LYS A 97 -16.55 -2.03 16.45
N GLU A 98 -15.41 -2.68 16.20
CA GLU A 98 -14.09 -2.10 16.48
C GLU A 98 -13.64 -1.22 15.32
N LYS A 99 -12.57 -0.47 15.54
CA LYS A 99 -12.04 0.48 14.54
C LYS A 99 -11.59 -0.32 13.32
N VAL A 100 -12.00 0.12 12.13
CA VAL A 100 -11.68 -0.61 10.90
C VAL A 100 -10.37 -0.05 10.32
N ARG A 101 -9.41 -0.95 10.14
CA ARG A 101 -8.15 -0.64 9.49
C ARG A 101 -8.05 -1.66 8.36
N LEU A 102 -7.86 -1.22 7.12
CA LEU A 102 -7.72 -2.13 5.99
C LEU A 102 -6.29 -2.09 5.46
N ARG A 103 -5.69 -3.25 5.28
CA ARG A 103 -4.38 -3.33 4.65
C ARG A 103 -4.59 -3.67 3.19
N TYR A 104 -4.04 -2.88 2.28
CA TYR A 104 -4.21 -3.20 0.86
C TYR A 104 -2.84 -3.42 0.23
N LYS A 105 -2.83 -4.13 -0.88
CA LYS A 105 -1.64 -4.35 -1.70
C LYS A 105 -2.02 -3.98 -3.10
N LEU A 106 -1.23 -3.10 -3.73
CA LEU A 106 -1.46 -2.64 -5.10
C LEU A 106 -0.25 -2.92 -5.98
N THR A 107 -0.53 -3.56 -7.11
CA THR A 107 0.48 -3.88 -8.07
C THR A 107 -0.13 -3.65 -9.45
N PHE A 108 0.66 -3.07 -10.36
CA PHE A 108 0.23 -2.87 -11.74
C PHE A 108 1.40 -2.48 -12.64
N THR A 109 1.16 -2.59 -13.95
CA THR A 109 2.13 -2.27 -14.96
C THR A 109 1.59 -1.16 -15.84
N MET A 110 2.42 -0.16 -16.10
CA MET A 110 2.03 0.96 -16.95
C MET A 110 3.30 1.55 -17.57
N GLY A 111 3.27 1.77 -18.88
CA GLY A 111 4.47 2.15 -19.61
C GLY A 111 5.50 1.04 -19.51
N ASP A 112 6.74 1.42 -19.23
CA ASP A 112 7.83 0.45 -19.12
C ASP A 112 8.13 0.05 -17.67
N GLN A 113 7.17 0.25 -16.77
CA GLN A 113 7.40 -0.01 -15.36
C GLN A 113 6.31 -0.82 -14.69
N THR A 114 6.70 -1.54 -13.65
CA THR A 114 5.75 -2.17 -12.74
C THR A 114 5.76 -1.43 -11.41
N TYR A 115 4.56 -1.08 -10.92
CA TYR A 115 4.37 -0.33 -9.67
C TYR A 115 3.88 -1.25 -8.57
N ASN A 116 4.49 -1.18 -7.39
CA ASN A 116 4.06 -1.98 -6.26
C ASN A 116 3.96 -1.08 -5.05
N GLU A 117 2.89 -1.23 -4.29
CA GLU A 117 2.78 -0.55 -3.02
C GLU A 117 1.86 -1.27 -2.09
N MET A 118 2.03 -1.02 -0.80
CA MET A 118 1.13 -1.54 0.24
C MET A 118 0.95 -0.46 1.28
N GLY A 119 -0.25 -0.37 1.85
CA GLY A 119 -0.50 0.55 2.94
C GLY A 119 -1.77 0.31 3.73
N ASP A 120 -2.10 1.29 4.57
CA ASP A 120 -3.25 1.21 5.47
C ASP A 120 -4.28 2.27 5.14
N VAL A 121 -5.51 1.86 4.98
CA VAL A 121 -6.64 2.77 4.94
C VAL A 121 -7.30 2.75 6.31
N ASP A 122 -7.47 3.91 6.92
CA ASP A 122 -8.11 4.00 8.24
C ASP A 122 -9.32 4.96 8.29
N GLN A 123 -9.80 5.42 7.14
CA GLN A 123 -10.91 6.39 7.11
C GLN A 123 -12.25 5.73 6.81
N PHE A 124 -12.60 4.73 7.60
CA PHE A 124 -13.91 4.10 7.47
C PHE A 124 -14.90 4.85 8.34
N PRO A 125 -16.16 4.92 7.95
CA PRO A 125 -17.16 5.63 8.77
C PRO A 125 -17.27 4.99 10.16
N PRO A 126 -17.67 5.72 11.17
CA PRO A 126 -17.86 5.10 12.48
C PRO A 126 -18.91 3.99 12.35
N PRO A 127 -18.65 2.83 12.93
CA PRO A 127 -19.59 1.70 12.94
C PRO A 127 -21.02 2.06 13.27
N GLU A 128 -21.25 3.13 14.03
CA GLU A 128 -22.58 3.60 14.37
C GLU A 128 -23.38 4.04 13.13
N THR A 129 -22.66 4.60 12.15
CA THR A 129 -23.24 5.14 10.91
C THR A 129 -23.53 4.09 9.83
N TRP A 130 -23.09 2.86 10.04
CA TRP A 130 -23.29 1.77 9.07
C TRP A 130 -24.71 1.71 8.55
N GLY A 131 -25.68 2.03 9.42
CA GLY A 131 -27.09 1.84 9.15
C GLY A 131 -27.76 3.03 8.50
N SER A 132 -27.19 4.22 8.67
CA SER A 132 -27.74 5.46 8.09
C SER A 132 -27.05 5.97 6.84
N LEU A 133 -26.02 5.26 6.35
CA LEU A 133 -25.25 5.68 5.17
C LEU A 133 -26.13 5.91 3.96
N ASN B 5 -17.04 -6.94 -19.55
CA ASN B 5 -18.34 -7.41 -20.12
C ASN B 5 -19.26 -6.21 -20.48
N ILE B 6 -20.13 -5.78 -19.57
CA ILE B 6 -21.19 -4.82 -19.89
C ILE B 6 -20.62 -3.48 -20.39
N LEU B 7 -21.24 -2.93 -21.42
CA LEU B 7 -20.82 -1.64 -21.95
C LEU B 7 -21.32 -0.49 -21.03
N PRO B 8 -20.51 0.56 -20.84
CA PRO B 8 -20.96 1.75 -20.12
C PRO B 8 -22.06 2.52 -20.85
N VAL B 9 -23.15 2.75 -20.14
CA VAL B 9 -24.29 3.44 -20.70
C VAL B 9 -24.12 4.95 -20.53
N THR B 10 -24.27 5.66 -21.64
CA THR B 10 -24.19 7.10 -21.67
C THR B 10 -25.53 7.71 -21.26
N VAL B 11 -25.58 8.36 -20.10
CA VAL B 11 -26.79 9.02 -19.64
C VAL B 11 -26.83 10.53 -19.97
N TYR B 12 -25.67 11.17 -19.98
CA TYR B 12 -25.55 12.57 -20.40
C TYR B 12 -24.30 12.77 -21.22
N ASP B 13 -24.44 13.58 -22.26
CA ASP B 13 -23.33 13.93 -23.13
C ASP B 13 -23.67 15.21 -23.91
N GLN B 14 -23.36 16.36 -23.30
CA GLN B 14 -23.63 17.67 -23.91
C GLN B 14 -22.57 18.63 -23.42
N HIS B 15 -22.13 19.52 -24.29
CA HIS B 15 -21.17 20.57 -23.93
C HIS B 15 -19.81 20.01 -23.44
N GLY B 16 -19.40 18.87 -23.96
CA GLY B 16 -18.20 18.17 -23.48
C GLY B 16 -18.33 17.53 -22.10
N PHE B 17 -19.50 17.67 -21.46
CA PHE B 17 -19.77 17.11 -20.13
C PHE B 17 -20.50 15.75 -20.26
N ARG B 18 -19.85 14.68 -19.78
CA ARG B 18 -20.34 13.34 -20.05
C ARG B 18 -20.49 12.52 -18.79
N ILE B 19 -21.71 12.03 -18.57
CA ILE B 19 -22.02 11.15 -17.45
C ILE B 19 -22.25 9.74 -18.00
N LEU B 20 -21.72 8.75 -17.30
CA LEU B 20 -21.84 7.35 -17.70
C LEU B 20 -22.20 6.49 -16.52
N PHE B 21 -22.96 5.43 -16.79
CA PHE B 21 -23.19 4.36 -15.83
C PHE B 21 -22.30 3.14 -16.14
N HIS B 22 -21.45 2.78 -15.19
CA HIS B 22 -20.68 1.55 -15.26
C HIS B 22 -21.33 0.51 -14.34
N PHE B 23 -21.80 -0.59 -14.93
CA PHE B 23 -22.46 -1.65 -14.17
C PHE B 23 -21.46 -2.64 -13.64
N ALA B 24 -21.59 -2.98 -12.38
CA ALA B 24 -20.65 -3.90 -11.74
C ALA B 24 -21.00 -5.37 -12.08
N ARG B 25 -20.47 -6.26 -11.24
CA ARG B 25 -20.42 -7.71 -11.45
C ARG B 25 -21.66 -8.41 -10.81
N ASP B 26 -21.44 -9.38 -9.95
CA ASP B 26 -22.47 -9.92 -9.08
C ASP B 26 -22.25 -9.27 -7.71
N PRO B 27 -22.79 -8.07 -7.53
CA PRO B 27 -22.33 -7.14 -6.47
C PRO B 27 -22.51 -7.66 -5.05
N LEU B 28 -23.69 -8.16 -4.77
CA LEU B 28 -24.00 -8.75 -3.50
C LEU B 28 -24.12 -10.22 -3.79
N PRO B 29 -23.16 -11.01 -3.29
CA PRO B 29 -23.02 -12.42 -3.71
C PRO B 29 -24.32 -13.19 -3.76
N GLY B 30 -24.99 -13.33 -2.62
CA GLY B 30 -26.19 -14.15 -2.53
C GLY B 30 -27.47 -13.44 -2.93
N ARG B 31 -27.35 -12.20 -3.41
CA ARG B 31 -28.49 -11.43 -3.88
C ARG B 31 -28.47 -11.14 -5.39
N SER B 32 -29.65 -11.13 -5.99
CA SER B 32 -29.80 -10.85 -7.41
C SER B 32 -30.74 -9.68 -7.64
N ASP B 33 -31.15 -9.04 -6.55
CA ASP B 33 -32.09 -7.93 -6.59
C ASP B 33 -31.43 -6.55 -6.49
N VAL B 34 -30.15 -6.51 -6.13
CA VAL B 34 -29.41 -5.23 -6.03
C VAL B 34 -28.45 -5.06 -7.22
N LEU B 35 -28.59 -3.97 -7.96
CA LEU B 35 -27.63 -3.60 -9.00
C LEU B 35 -26.70 -2.49 -8.50
N VAL B 36 -25.39 -2.66 -8.75
CA VAL B 36 -24.35 -1.69 -8.38
C VAL B 36 -23.74 -0.98 -9.59
N VAL B 37 -23.87 0.33 -9.57
CA VAL B 37 -23.44 1.20 -10.64
C VAL B 37 -22.39 2.19 -10.11
N VAL B 38 -21.33 2.36 -10.89
CA VAL B 38 -20.41 3.44 -10.65
C VAL B 38 -20.74 4.46 -11.73
N VAL B 39 -21.16 5.64 -11.30
CA VAL B 39 -21.40 6.75 -12.19
C VAL B 39 -20.11 7.54 -12.37
N SER B 40 -19.65 7.71 -13.61
CA SER B 40 -18.47 8.55 -13.84
C SER B 40 -18.88 9.82 -14.55
N MET B 41 -18.18 10.92 -14.26
CA MET B 41 -18.43 12.24 -14.85
C MET B 41 -17.11 12.86 -15.27
N LEU B 42 -17.04 13.27 -16.52
CA LEU B 42 -15.81 13.74 -17.13
C LEU B 42 -16.14 14.87 -18.08
N SER B 43 -15.20 15.80 -18.25
CA SER B 43 -15.44 17.02 -19.00
C SER B 43 -14.29 17.36 -19.94
N THR B 44 -14.62 17.50 -21.21
CA THR B 44 -13.73 18.07 -22.23
C THR B 44 -14.05 19.55 -22.52
N ALA B 45 -14.87 20.19 -21.69
CA ALA B 45 -15.20 21.58 -21.89
C ALA B 45 -14.02 22.51 -21.62
N PRO B 46 -13.92 23.60 -22.38
CA PRO B 46 -12.89 24.63 -22.14
C PRO B 46 -13.15 25.48 -20.87
N GLN B 47 -14.32 25.38 -20.25
CA GLN B 47 -14.59 26.07 -18.97
C GLN B 47 -14.88 25.08 -17.85
N PRO B 48 -14.73 25.53 -16.60
CA PRO B 48 -14.98 24.65 -15.46
C PRO B 48 -16.44 24.33 -15.36
N ILE B 49 -16.78 23.23 -14.71
CA ILE B 49 -18.17 22.91 -14.43
C ILE B 49 -18.31 22.80 -12.94
N ARG B 50 -19.33 23.43 -12.36
CA ARG B 50 -19.45 23.46 -10.91
C ARG B 50 -20.85 23.19 -10.40
N ASN B 51 -20.94 23.00 -9.09
CA ASN B 51 -22.19 22.70 -8.41
C ASN B 51 -22.95 21.59 -9.11
N ILE B 52 -22.21 20.57 -9.53
CA ILE B 52 -22.79 19.42 -10.20
C ILE B 52 -23.61 18.69 -9.16
N VAL B 53 -24.84 18.36 -9.52
CA VAL B 53 -25.73 17.59 -8.67
C VAL B 53 -26.51 16.60 -9.54
N PHE B 54 -26.26 15.32 -9.32
CA PHE B 54 -26.95 14.26 -10.04
C PHE B 54 -27.95 13.61 -9.10
N GLN B 55 -29.20 13.54 -9.56
CA GLN B 55 -30.34 13.00 -8.82
C GLN B 55 -31.11 11.97 -9.65
N SER B 56 -31.58 10.91 -9.01
CA SER B 56 -32.21 9.82 -9.73
C SER B 56 -33.55 9.45 -9.12
N ALA B 57 -34.45 9.01 -9.98
CA ALA B 57 -35.77 8.54 -9.58
C ALA B 57 -36.08 7.28 -10.36
N VAL B 58 -36.66 6.30 -9.68
CA VAL B 58 -37.13 5.07 -10.33
C VAL B 58 -38.60 4.82 -9.98
N PRO B 59 -39.29 3.93 -10.71
CA PRO B 59 -40.66 3.55 -10.31
C PRO B 59 -40.69 2.96 -8.90
N LYS B 60 -41.84 3.09 -8.24
CA LYS B 60 -41.98 2.83 -6.80
C LYS B 60 -41.69 1.37 -6.45
N VAL B 61 -41.97 0.46 -7.39
CA VAL B 61 -41.64 -0.96 -7.21
C VAL B 61 -40.19 -1.22 -6.86
N MET B 62 -39.31 -0.30 -7.24
CA MET B 62 -37.88 -0.39 -6.94
C MET B 62 -37.40 0.87 -6.22
N LYS B 63 -36.17 0.79 -5.72
CA LYS B 63 -35.53 1.86 -4.98
C LYS B 63 -34.13 2.14 -5.53
N VAL B 64 -33.88 3.42 -5.76
CA VAL B 64 -32.59 3.88 -6.20
C VAL B 64 -31.96 4.69 -5.07
N LYS B 65 -30.66 4.49 -4.84
CA LYS B 65 -29.96 5.22 -3.80
C LYS B 65 -28.54 5.63 -4.24
N LEU B 66 -28.31 6.93 -4.33
CA LEU B 66 -26.97 7.48 -4.59
C LEU B 66 -26.21 7.90 -3.33
N GLN B 67 -24.95 7.47 -3.26
CA GLN B 67 -24.03 7.90 -2.22
C GLN B 67 -23.42 9.23 -2.63
N PRO B 68 -22.96 10.04 -1.68
CA PRO B 68 -22.27 11.29 -2.03
C PRO B 68 -21.08 11.06 -2.98
N PRO B 69 -20.94 11.95 -3.97
CA PRO B 69 -19.92 11.77 -5.02
C PRO B 69 -18.50 12.10 -4.54
N SER B 70 -17.52 11.79 -5.34
CA SER B 70 -16.11 12.05 -5.02
C SER B 70 -15.85 13.54 -5.10
N GLY B 71 -16.69 14.24 -5.88
CA GLY B 71 -16.59 15.69 -6.02
C GLY B 71 -17.81 16.29 -6.70
N THR B 72 -17.76 17.59 -6.89
CA THR B 72 -18.90 18.40 -7.35
C THR B 72 -18.46 19.43 -8.42
N GLU B 73 -17.20 19.33 -8.83
CA GLU B 73 -16.57 20.33 -9.67
C GLU B 73 -15.57 19.63 -10.57
N LEU B 74 -15.50 20.07 -11.83
CA LEU B 74 -14.52 19.58 -12.80
C LEU B 74 -13.81 20.76 -13.45
N PRO B 75 -12.49 20.73 -13.53
CA PRO B 75 -11.77 21.85 -14.13
C PRO B 75 -11.98 21.97 -15.64
N ALA B 76 -11.54 23.11 -16.17
CA ALA B 76 -11.54 23.33 -17.59
C ALA B 76 -10.62 22.27 -18.13
N PHE B 77 -10.93 21.73 -19.29
CA PHE B 77 -10.17 20.62 -19.85
C PHE B 77 -8.84 21.14 -20.34
N ASN B 78 -7.81 20.37 -20.07
CA ASN B 78 -6.45 20.71 -20.41
C ASN B 78 -5.81 19.45 -20.99
N PRO B 79 -5.49 19.45 -22.30
CA PRO B 79 -5.04 18.22 -22.99
C PRO B 79 -3.66 17.71 -22.58
N ILE B 80 -2.98 18.46 -21.71
CA ILE B 80 -1.61 18.17 -21.30
C ILE B 80 -1.55 17.63 -19.85
N VAL B 81 -2.69 17.59 -19.16
CA VAL B 81 -2.76 17.02 -17.81
C VAL B 81 -3.78 15.85 -17.79
N HIS B 82 -3.54 14.84 -16.94
CA HIS B 82 -4.51 13.73 -16.76
C HIS B 82 -5.84 14.35 -16.38
N PRO B 83 -6.86 14.15 -17.20
CA PRO B 83 -8.19 14.66 -16.89
C PRO B 83 -8.67 14.22 -15.49
N SER B 84 -9.45 15.09 -14.86
CA SER B 84 -10.15 14.74 -13.65
C SER B 84 -11.44 13.97 -13.97
N ALA B 85 -11.96 13.25 -12.98
CA ALA B 85 -13.24 12.58 -13.10
C ALA B 85 -13.92 12.50 -11.75
N ILE B 86 -15.24 12.67 -11.74
CA ILE B 86 -16.07 12.40 -10.57
C ILE B 86 -16.53 10.92 -10.60
N THR B 87 -16.45 10.27 -9.45
CA THR B 87 -17.07 8.96 -9.28
C THR B 87 -18.16 8.97 -8.18
N GLN B 88 -19.26 8.27 -8.45
CA GLN B 88 -20.38 8.23 -7.52
C GLN B 88 -21.10 6.89 -7.61
N VAL B 89 -21.38 6.28 -6.46
CA VAL B 89 -22.05 4.98 -6.46
C VAL B 89 -23.53 5.15 -6.41
N LEU B 90 -24.21 4.35 -7.24
CA LEU B 90 -25.65 4.28 -7.30
C LEU B 90 -26.02 2.81 -7.08
N LEU B 91 -26.97 2.57 -6.19
CA LEU B 91 -27.45 1.21 -5.89
C LEU B 91 -28.92 1.14 -6.29
N LEU B 92 -29.30 0.00 -6.83
CA LEU B 92 -30.64 -0.20 -7.36
C LEU B 92 -31.21 -1.51 -6.78
N ALA B 93 -32.21 -1.35 -5.91
CA ALA B 93 -32.97 -2.48 -5.36
C ALA B 93 -34.24 -2.67 -6.22
N ASN B 94 -34.28 -3.78 -6.95
CA ASN B 94 -35.42 -4.17 -7.77
C ASN B 94 -35.81 -5.65 -7.45
N PRO B 95 -36.34 -5.92 -6.26
CA PRO B 95 -36.64 -7.31 -5.84
C PRO B 95 -37.67 -7.93 -6.75
N GLN B 96 -38.83 -7.31 -6.87
CA GLN B 96 -39.70 -7.58 -8.00
C GLN B 96 -38.84 -7.20 -9.20
N LYS B 97 -38.67 -8.12 -10.13
CA LYS B 97 -37.67 -7.95 -11.18
C LYS B 97 -38.23 -7.31 -12.46
N GLU B 98 -38.75 -6.10 -12.33
CA GLU B 98 -39.33 -5.35 -13.47
C GLU B 98 -38.25 -4.60 -14.26
N LYS B 99 -38.63 -4.10 -15.44
CA LYS B 99 -37.69 -3.39 -16.30
C LYS B 99 -37.38 -2.03 -15.70
N VAL B 100 -36.09 -1.67 -15.72
CA VAL B 100 -35.63 -0.45 -15.07
C VAL B 100 -35.72 0.71 -16.04
N ARG B 101 -36.40 1.76 -15.60
CA ARG B 101 -36.47 3.02 -16.29
C ARG B 101 -36.16 4.07 -15.25
N LEU B 102 -34.96 4.62 -15.32
CA LEU B 102 -34.51 5.65 -14.41
C LEU B 102 -34.66 7.02 -15.05
N ARG B 103 -35.11 7.98 -14.26
CA ARG B 103 -35.19 9.38 -14.65
C ARG B 103 -34.22 10.19 -13.80
N TYR B 104 -33.42 11.03 -14.42
CA TYR B 104 -32.44 11.79 -13.69
C TYR B 104 -32.65 13.30 -13.81
N LYS B 105 -32.15 14.06 -12.86
CA LYS B 105 -32.08 15.50 -12.94
C LYS B 105 -30.64 15.90 -12.67
N LEU B 106 -30.01 16.50 -13.68
CA LEU B 106 -28.64 16.97 -13.58
C LEU B 106 -28.64 18.51 -13.48
N THR B 107 -27.92 19.06 -12.53
CA THR B 107 -27.74 20.49 -12.49
C THR B 107 -26.26 20.79 -12.48
N PHE B 108 -25.82 21.67 -13.36
CA PHE B 108 -24.47 22.18 -13.25
C PHE B 108 -24.38 23.61 -13.74
N THR B 109 -23.22 24.23 -13.55
CA THR B 109 -22.99 25.59 -14.00
C THR B 109 -21.68 25.58 -14.78
N MET B 110 -21.71 26.11 -15.99
CA MET B 110 -20.56 26.12 -16.86
C MET B 110 -20.38 27.54 -17.38
N GLY B 111 -19.31 28.19 -16.92
CA GLY B 111 -19.06 29.58 -17.18
C GLY B 111 -20.11 30.41 -16.47
N ASP B 112 -20.90 31.09 -17.27
CA ASP B 112 -21.96 31.95 -16.78
C ASP B 112 -23.28 31.20 -16.63
N GLN B 113 -23.46 30.14 -17.42
CA GLN B 113 -24.76 29.49 -17.60
C GLN B 113 -24.98 28.35 -16.63
N THR B 114 -26.21 28.19 -16.17
CA THR B 114 -26.62 27.02 -15.42
C THR B 114 -27.52 26.14 -16.31
N TYR B 115 -27.31 24.82 -16.18
CA TYR B 115 -28.06 23.81 -16.91
C TYR B 115 -28.85 22.97 -15.93
N ASN B 116 -30.12 22.75 -16.27
CA ASN B 116 -31.08 22.06 -15.44
C ASN B 116 -31.67 20.97 -16.29
N GLU B 117 -30.96 19.85 -16.39
CA GLU B 117 -31.24 18.84 -17.40
C GLU B 117 -32.00 17.65 -16.83
N MET B 118 -32.96 17.13 -17.59
CA MET B 118 -33.66 15.91 -17.23
C MET B 118 -33.56 14.90 -18.36
N GLY B 119 -33.53 13.62 -18.00
CA GLY B 119 -33.44 12.57 -19.00
C GLY B 119 -33.83 11.18 -18.52
N ASP B 120 -34.03 10.29 -19.48
CA ASP B 120 -34.40 8.91 -19.20
C ASP B 120 -33.27 7.96 -19.58
N VAL B 121 -33.05 6.97 -18.74
CA VAL B 121 -32.13 5.90 -19.02
C VAL B 121 -32.90 4.57 -19.06
N ASP B 122 -32.83 3.88 -20.20
CA ASP B 122 -33.60 2.65 -20.53
C ASP B 122 -32.70 1.44 -20.75
N GLN B 123 -31.40 1.61 -20.56
CA GLN B 123 -30.41 0.63 -21.01
C GLN B 123 -29.73 -0.08 -19.84
N PHE B 124 -30.53 -0.59 -18.91
CA PHE B 124 -29.99 -1.38 -17.82
C PHE B 124 -29.97 -2.85 -18.21
N PRO B 125 -29.06 -3.62 -17.61
CA PRO B 125 -29.11 -5.09 -17.75
C PRO B 125 -30.47 -5.64 -17.27
N PRO B 126 -31.01 -6.66 -17.92
CA PRO B 126 -32.28 -7.26 -17.48
C PRO B 126 -32.19 -7.82 -16.05
N PRO B 127 -33.19 -7.54 -15.20
CA PRO B 127 -33.23 -8.03 -13.80
C PRO B 127 -32.98 -9.53 -13.70
N GLU B 128 -33.47 -10.25 -14.70
CA GLU B 128 -33.08 -11.64 -14.95
C GLU B 128 -31.74 -11.60 -15.70
N THR B 129 -30.74 -11.05 -15.01
CA THR B 129 -29.31 -11.17 -15.34
C THR B 129 -28.44 -10.81 -14.12
N TRP B 130 -29.03 -10.14 -13.12
CA TRP B 130 -28.28 -9.52 -12.04
C TRP B 130 -27.71 -10.59 -11.11
N ILE C 1 -0.98 -13.55 4.92
CA ILE C 1 0.10 -13.25 3.95
C ILE C 1 0.31 -11.75 3.79
N LYS C 2 -0.71 -10.97 4.13
CA LYS C 2 -0.80 -9.54 3.81
C LYS C 2 -0.61 -8.55 4.97
N PRO C 3 -1.18 -8.81 6.15
CA PRO C 3 -0.80 -8.07 7.37
C PRO C 3 0.57 -8.51 7.92
N SER C 4 0.73 -8.54 9.23
CA SER C 4 2.04 -8.78 9.84
C SER C 4 1.95 -9.85 10.93
N ILE C 6 5.40 -8.55 15.68
CA ILE C 6 6.43 -9.19 16.51
C ILE C 6 7.46 -8.20 17.04
N LEU C 7 7.78 -8.34 18.32
CA LEU C 7 8.64 -7.42 19.05
C LEU C 7 10.13 -7.65 18.77
N PRO C 8 10.92 -6.57 18.82
CA PRO C 8 12.36 -6.69 18.65
C PRO C 8 13.00 -7.22 19.93
N VAL C 9 14.25 -7.67 19.84
CA VAL C 9 14.94 -8.29 20.95
C VAL C 9 16.30 -7.61 21.15
N THR C 10 16.49 -7.04 22.33
CA THR C 10 17.79 -6.53 22.71
C THR C 10 18.77 -7.70 22.85
N VAL C 11 19.90 -7.61 22.14
CA VAL C 11 20.94 -8.63 22.21
C VAL C 11 22.14 -8.15 23.03
N TYR C 12 22.37 -6.85 23.02
CA TYR C 12 23.46 -6.25 23.79
C TYR C 12 23.03 -4.87 24.27
N ASP C 13 23.57 -4.45 25.41
CA ASP C 13 23.21 -3.17 26.03
C ASP C 13 24.13 -2.83 27.19
N GLN C 14 25.27 -2.19 26.89
CA GLN C 14 26.25 -1.77 27.90
C GLN C 14 27.07 -0.58 27.38
N HIS C 15 27.56 0.24 28.31
CA HIS C 15 28.26 1.49 27.96
C HIS C 15 27.37 2.43 27.15
N GLY C 16 26.06 2.27 27.26
CA GLY C 16 25.12 2.99 26.41
C GLY C 16 24.91 2.43 24.98
N PHE C 17 25.69 1.43 24.59
CA PHE C 17 25.64 0.88 23.25
C PHE C 17 24.58 -0.21 23.24
N ARG C 18 23.46 0.06 22.56
CA ARG C 18 22.35 -0.89 22.41
C ARG C 18 22.30 -1.49 21.01
N ILE C 19 21.92 -2.77 20.94
CA ILE C 19 21.83 -3.50 19.68
C ILE C 19 20.60 -4.41 19.74
N LEU C 20 19.70 -4.26 18.78
CA LEU C 20 18.46 -5.03 18.73
C LEU C 20 18.36 -5.85 17.43
N PHE C 21 17.60 -6.92 17.49
CA PHE C 21 17.25 -7.72 16.34
C PHE C 21 15.79 -7.41 16.05
N HIS C 22 15.52 -6.95 14.83
CA HIS C 22 14.17 -6.73 14.33
C HIS C 22 13.94 -7.81 13.28
N PHE C 23 12.82 -8.51 13.42
CA PHE C 23 12.54 -9.68 12.61
C PHE C 23 11.65 -9.38 11.42
N ALA C 24 11.85 -10.16 10.36
CA ALA C 24 11.14 -10.00 9.08
C ALA C 24 11.05 -11.37 8.43
N ARG C 25 10.14 -11.54 7.47
CA ARG C 25 9.87 -12.86 6.96
C ARG C 25 10.73 -13.28 5.79
N ASP C 26 10.71 -14.59 5.55
CA ASP C 26 11.41 -15.19 4.45
C ASP C 26 11.06 -14.42 3.17
N PRO C 27 12.07 -13.85 2.49
CA PRO C 27 11.85 -13.10 1.24
C PRO C 27 11.14 -13.89 0.12
N LEU C 28 11.29 -15.22 0.10
CA LEU C 28 10.52 -16.06 -0.83
C LEU C 28 9.09 -16.25 -0.28
N PRO C 29 8.09 -15.74 -0.99
CA PRO C 29 6.71 -15.95 -0.54
C PRO C 29 6.36 -17.43 -0.65
N GLY C 30 5.69 -17.95 0.37
CA GLY C 30 5.32 -19.36 0.44
C GLY C 30 6.25 -20.20 1.29
N ARG C 31 7.53 -19.82 1.31
CA ARG C 31 8.55 -20.54 2.08
C ARG C 31 8.70 -20.00 3.50
N SER C 32 9.20 -20.84 4.40
CA SER C 32 9.48 -20.43 5.78
C SER C 32 10.84 -20.96 6.29
N ASP C 33 11.83 -21.01 5.40
CA ASP C 33 13.16 -21.56 5.71
C ASP C 33 14.17 -20.53 6.19
N VAL C 34 14.00 -19.25 5.82
CA VAL C 34 14.90 -18.19 6.32
C VAL C 34 14.20 -17.07 7.12
N LEU C 35 14.82 -16.74 8.24
CA LEU C 35 14.48 -15.55 9.01
C LEU C 35 15.35 -14.38 8.55
N VAL C 36 14.72 -13.24 8.29
CA VAL C 36 15.41 -11.99 8.02
C VAL C 36 15.53 -11.19 9.33
N VAL C 37 16.73 -10.71 9.61
CA VAL C 37 16.99 -9.94 10.81
C VAL C 37 17.64 -8.64 10.41
N VAL C 38 17.04 -7.53 10.80
CA VAL C 38 17.69 -6.24 10.79
C VAL C 38 18.26 -6.04 12.18
N VAL C 39 19.59 -5.95 12.24
CA VAL C 39 20.30 -5.56 13.43
C VAL C 39 20.45 -4.03 13.41
N SER C 40 19.95 -3.37 14.45
CA SER C 40 20.13 -1.91 14.64
C SER C 40 21.00 -1.65 15.84
N MET C 41 21.81 -0.59 15.77
CA MET C 41 22.76 -0.27 16.81
C MET C 41 22.75 1.24 16.99
N LEU C 42 22.47 1.66 18.22
CA LEU C 42 22.43 3.06 18.60
C LEU C 42 23.20 3.29 19.92
N SER C 43 23.88 4.43 20.02
CA SER C 43 24.74 4.79 21.16
C SER C 43 24.19 5.99 21.97
N THR C 44 23.63 5.70 23.15
CA THR C 44 23.19 6.76 24.10
C THR C 44 24.33 7.24 24.98
N ALA C 45 25.56 7.37 24.43
CA ALA C 45 26.76 7.48 25.30
C ALA C 45 27.68 8.65 24.98
N PRO C 46 28.30 9.23 26.03
CA PRO C 46 29.11 10.46 25.91
C PRO C 46 30.35 10.42 25.02
N GLN C 47 30.72 9.27 24.46
CA GLN C 47 31.92 9.20 23.58
C GLN C 47 31.56 8.57 22.23
N PRO C 48 32.27 8.94 21.17
CA PRO C 48 32.07 8.29 19.88
C PRO C 48 32.64 6.86 19.87
N ILE C 49 31.91 5.96 19.23
CA ILE C 49 32.29 4.57 19.05
C ILE C 49 32.80 4.39 17.63
N ARG C 50 33.92 3.71 17.47
CA ARG C 50 34.43 3.39 16.14
C ARG C 50 34.77 1.91 16.04
N ASN C 51 35.23 1.49 14.87
CA ASN C 51 35.59 0.11 14.58
C ASN C 51 34.56 -0.89 15.09
N ILE C 52 33.27 -0.64 14.82
CA ILE C 52 32.22 -1.56 15.23
C ILE C 52 32.12 -2.72 14.24
N VAL C 53 32.25 -3.94 14.75
CA VAL C 53 32.08 -5.15 13.94
C VAL C 53 31.19 -6.05 14.72
N PHE C 54 30.11 -6.51 14.09
CA PHE C 54 29.18 -7.41 14.72
C PHE C 54 29.26 -8.73 13.98
N GLN C 55 29.55 -9.82 14.67
CA GLN C 55 29.66 -11.15 14.01
C GLN C 55 28.69 -12.10 14.63
N SER C 56 28.35 -13.17 13.91
CA SER C 56 27.46 -14.18 14.48
C SER C 56 27.83 -15.59 14.04
N ALA C 57 27.53 -16.56 14.89
CA ALA C 57 27.68 -17.98 14.55
C ALA C 57 26.40 -18.69 14.93
N VAL C 58 26.16 -19.85 14.30
CA VAL C 58 25.00 -20.69 14.59
C VAL C 58 25.39 -22.18 14.48
N PRO C 59 24.68 -23.07 15.18
CA PRO C 59 24.94 -24.52 15.08
C PRO C 59 25.06 -24.98 13.64
N LYS C 60 25.79 -26.06 13.41
CA LYS C 60 26.18 -26.47 12.04
C LYS C 60 24.98 -26.93 11.21
N VAL C 61 23.90 -27.31 11.89
CA VAL C 61 22.69 -27.69 11.21
C VAL C 61 22.12 -26.59 10.31
N MET C 62 22.29 -25.34 10.75
CA MET C 62 21.84 -24.16 10.01
C MET C 62 23.00 -23.28 9.59
N LYS C 63 22.70 -22.16 8.94
CA LYS C 63 23.72 -21.18 8.59
C LYS C 63 23.23 -19.76 8.85
N VAL C 64 24.16 -18.84 9.03
CA VAL C 64 23.87 -17.42 9.23
C VAL C 64 24.76 -16.59 8.29
N LYS C 65 24.18 -15.55 7.70
CA LYS C 65 24.91 -14.69 6.77
C LYS C 65 24.69 -13.22 7.15
N LEU C 66 25.77 -12.47 7.25
CA LEU C 66 25.72 -11.07 7.63
C LEU C 66 26.22 -10.24 6.45
N GLN C 67 25.41 -9.26 6.05
CA GLN C 67 25.77 -8.34 4.97
C GLN C 67 26.53 -7.19 5.57
N PRO C 68 27.34 -6.50 4.77
CA PRO C 68 28.05 -5.32 5.26
C PRO C 68 27.10 -4.32 5.92
N PRO C 69 27.55 -3.69 7.01
CA PRO C 69 26.70 -2.76 7.78
C PRO C 69 26.62 -1.34 7.15
N SER C 70 25.64 -0.57 7.59
CA SER C 70 25.47 0.79 7.07
C SER C 70 26.68 1.64 7.40
N GLY C 71 27.36 1.27 8.46
CA GLY C 71 28.51 2.01 8.93
C GLY C 71 29.27 1.26 9.99
N THR C 72 30.39 1.85 10.34
CA THR C 72 31.30 1.30 11.31
C THR C 72 31.50 2.24 12.53
N GLU C 73 30.92 3.45 12.45
CA GLU C 73 31.10 4.48 13.47
C GLU C 73 29.78 5.06 13.93
N LEU C 74 29.80 5.56 15.16
CA LEU C 74 28.69 6.27 15.76
C LEU C 74 29.27 7.46 16.52
N PRO C 75 28.65 8.64 16.39
CA PRO C 75 29.12 9.80 17.15
C PRO C 75 28.60 9.71 18.59
N ALA C 76 29.22 10.51 19.46
CA ALA C 76 28.76 10.69 20.83
C ALA C 76 27.32 11.20 20.84
N PHE C 77 26.50 10.63 21.71
CA PHE C 77 25.10 11.03 21.81
C PHE C 77 24.98 12.50 22.16
N ASN C 78 24.65 13.32 21.15
CA ASN C 78 24.48 14.78 21.28
C ASN C 78 22.99 15.11 21.39
N PRO C 79 22.54 15.58 22.56
CA PRO C 79 21.11 15.87 22.83
C PRO C 79 20.34 16.71 21.80
N ILE C 80 21.04 17.55 21.04
CA ILE C 80 20.42 18.34 19.99
C ILE C 80 20.21 17.44 18.80
N VAL C 81 21.31 17.07 18.14
CA VAL C 81 21.28 16.47 16.81
C VAL C 81 20.50 15.17 16.79
N HIS C 82 19.94 14.85 15.61
CA HIS C 82 19.29 13.55 15.38
C HIS C 82 20.35 12.45 15.50
N PRO C 83 20.25 11.58 16.50
CA PRO C 83 21.21 10.48 16.60
C PRO C 83 21.34 9.61 15.33
N SER C 84 22.56 9.40 14.87
CA SER C 84 22.87 8.38 13.88
C SER C 84 22.47 6.96 14.36
N ALA C 85 22.48 6.01 13.42
CA ALA C 85 22.17 4.62 13.73
C ALA C 85 22.78 3.67 12.69
N ILE C 86 23.39 2.58 13.14
CA ILE C 86 23.90 1.55 12.26
C ILE C 86 22.85 0.48 12.04
N THR C 87 22.70 0.09 10.80
CA THR C 87 21.85 -1.02 10.43
C THR C 87 22.63 -2.08 9.63
N GLN C 88 22.31 -3.34 9.91
CA GLN C 88 23.00 -4.49 9.28
C GLN C 88 22.00 -5.62 9.13
N VAL C 89 21.89 -6.17 7.94
CA VAL C 89 20.96 -7.26 7.74
C VAL C 89 21.69 -8.57 8.01
N LEU C 90 20.97 -9.47 8.67
CA LEU C 90 21.41 -10.79 9.01
C LEU C 90 20.36 -11.77 8.51
N LEU C 91 20.81 -12.86 7.89
CA LEU C 91 19.90 -13.91 7.40
C LEU C 91 20.21 -15.26 8.03
N LEU C 92 19.19 -15.87 8.60
CA LEU C 92 19.29 -17.15 9.27
C LEU C 92 18.58 -18.24 8.43
N ALA C 93 19.36 -19.09 7.76
CA ALA C 93 18.78 -20.16 6.92
C ALA C 93 18.69 -21.46 7.71
N ASN C 94 17.48 -21.83 8.13
CA ASN C 94 17.21 -23.04 8.89
C ASN C 94 16.17 -23.96 8.23
N PRO C 95 16.54 -24.63 7.14
CA PRO C 95 15.60 -25.50 6.43
C PRO C 95 15.15 -26.75 7.19
N GLN C 96 15.96 -27.22 8.15
CA GLN C 96 15.61 -28.39 8.95
C GLN C 96 14.73 -28.04 10.17
N LYS C 97 14.34 -26.77 10.27
CA LYS C 97 13.44 -26.26 11.32
C LYS C 97 13.85 -26.59 12.75
N GLU C 98 15.16 -26.61 12.99
CA GLU C 98 15.73 -26.81 14.32
C GLU C 98 15.59 -25.58 15.22
N LYS C 99 15.86 -25.77 16.52
CA LYS C 99 15.90 -24.66 17.47
C LYS C 99 17.03 -23.70 17.10
N VAL C 100 16.90 -22.45 17.53
CA VAL C 100 17.74 -21.36 17.05
C VAL C 100 18.60 -20.88 18.20
N ARG C 101 19.90 -21.01 18.02
CA ARG C 101 20.86 -20.78 19.09
C ARG C 101 22.03 -20.01 18.50
N LEU C 102 22.01 -18.68 18.67
CA LEU C 102 22.99 -17.82 18.00
C LEU C 102 24.00 -17.20 18.98
N ARG C 103 25.27 -17.23 18.58
CA ARG C 103 26.34 -16.64 19.36
C ARG C 103 26.95 -15.51 18.59
N TYR C 104 26.98 -14.33 19.18
CA TYR C 104 27.54 -13.19 18.52
C TYR C 104 28.87 -12.77 19.13
N LYS C 105 29.64 -12.01 18.36
CA LYS C 105 30.80 -11.31 18.84
C LYS C 105 30.68 -9.84 18.44
N LEU C 106 30.79 -8.96 19.41
CA LEU C 106 30.68 -7.51 19.16
C LEU C 106 32.03 -6.83 19.45
N THR C 107 32.53 -6.10 18.47
CA THR C 107 33.80 -5.41 18.60
C THR C 107 33.57 -3.92 18.41
N PHE C 108 34.10 -3.11 19.31
CA PHE C 108 34.05 -1.64 19.16
C PHE C 108 35.08 -0.94 20.04
N THR C 109 35.48 0.25 19.62
CA THR C 109 36.38 1.11 20.39
C THR C 109 35.68 2.39 20.86
N MET C 110 35.55 2.51 22.19
CA MET C 110 35.03 3.71 22.87
C MET C 110 36.18 4.40 23.60
N GLY C 111 36.93 5.22 22.87
CA GLY C 111 38.01 6.02 23.44
C GLY C 111 39.26 5.26 23.83
N ASP C 112 39.56 5.30 25.13
CA ASP C 112 40.72 4.61 25.73
C ASP C 112 40.56 3.07 25.69
N GLN C 113 39.31 2.61 25.56
CA GLN C 113 38.93 1.23 25.75
C GLN C 113 38.59 0.58 24.43
N THR C 114 38.85 -0.72 24.33
CA THR C 114 38.40 -1.57 23.21
C THR C 114 37.68 -2.77 23.81
N TYR C 115 36.59 -3.21 23.19
CA TYR C 115 35.80 -4.33 23.68
C TYR C 115 35.66 -5.39 22.60
N ASN C 116 35.74 -6.64 22.99
CA ASN C 116 35.31 -7.76 22.19
C ASN C 116 34.36 -8.53 23.10
N GLU C 117 33.07 -8.35 22.87
CA GLU C 117 32.05 -8.96 23.70
C GLU C 117 31.55 -10.20 22.99
N MET C 118 31.27 -11.21 23.79
CA MET C 118 30.66 -12.44 23.35
C MET C 118 29.34 -12.50 24.08
N GLY C 119 28.32 -12.98 23.42
CA GLY C 119 27.03 -13.17 24.05
C GLY C 119 26.23 -14.18 23.28
N ASP C 120 25.14 -14.64 23.90
CA ASP C 120 24.26 -15.59 23.24
C ASP C 120 22.85 -15.03 23.18
N VAL C 121 22.11 -15.52 22.18
CA VAL C 121 20.75 -15.11 21.86
C VAL C 121 19.95 -16.37 21.50
N ASP C 122 18.78 -16.54 22.13
CA ASP C 122 17.90 -17.64 21.78
C ASP C 122 16.43 -17.22 21.62
N GLN C 123 16.11 -15.94 21.89
CA GLN C 123 14.75 -15.42 21.74
C GLN C 123 14.44 -15.10 20.27
N PHE C 124 14.29 -16.14 19.46
CA PHE C 124 13.87 -16.02 18.08
C PHE C 124 12.42 -16.55 17.97
N PRO C 125 11.69 -16.08 16.98
CA PRO C 125 10.34 -16.61 16.71
C PRO C 125 10.40 -18.07 16.27
N PRO C 126 9.36 -18.86 16.54
CA PRO C 126 9.30 -20.25 16.05
C PRO C 126 9.59 -20.36 14.54
N PRO C 127 10.39 -21.34 14.12
CA PRO C 127 10.70 -21.55 12.69
C PRO C 127 9.50 -21.72 11.73
N GLU C 128 8.40 -22.31 12.19
CA GLU C 128 7.23 -22.48 11.31
C GLU C 128 6.42 -21.18 11.16
N THR C 129 7.01 -20.09 11.63
CA THR C 129 6.39 -18.78 11.66
C THR C 129 7.17 -17.80 10.77
N TRP C 130 8.33 -18.23 10.27
CA TRP C 130 9.25 -17.35 9.52
C TRP C 130 8.72 -16.93 8.15
N GLY C 131 7.74 -17.67 7.64
CA GLY C 131 7.12 -17.41 6.36
C GLY C 131 5.85 -16.59 6.48
N SER C 132 5.41 -16.31 7.70
CA SER C 132 4.21 -15.49 7.92
C SER C 132 4.45 -14.36 8.94
N LEU C 133 5.71 -14.00 9.16
CA LEU C 133 6.06 -12.87 10.04
C LEU C 133 5.70 -11.54 9.42
N ASN D 5 32.07 -5.14 0.79
CA ASN D 5 32.20 -4.04 -0.22
C ASN D 5 30.87 -3.39 -0.63
N ILE D 6 29.81 -4.19 -0.67
CA ILE D 6 28.49 -3.72 -1.13
C ILE D 6 27.65 -3.23 0.04
N LEU D 7 27.61 -1.91 0.20
CA LEU D 7 27.08 -1.29 1.39
C LEU D 7 25.60 -1.03 1.23
N PRO D 8 24.87 -0.93 2.35
CA PRO D 8 23.48 -0.42 2.32
C PRO D 8 23.41 0.97 1.70
N VAL D 9 22.36 1.23 0.93
CA VAL D 9 22.16 2.52 0.30
C VAL D 9 21.07 3.32 0.98
N THR D 10 21.37 4.58 1.29
CA THR D 10 20.41 5.47 1.89
C THR D 10 19.58 6.08 0.77
N VAL D 11 18.28 5.82 0.79
CA VAL D 11 17.38 6.24 -0.26
C VAL D 11 16.55 7.45 0.16
N TYR D 12 16.35 7.56 1.47
CA TYR D 12 15.72 8.70 2.08
C TYR D 12 16.28 9.00 3.47
N ASP D 13 16.71 10.24 3.67
CA ASP D 13 17.17 10.73 4.97
C ASP D 13 16.74 12.18 5.23
N GLN D 14 15.73 12.35 6.06
CA GLN D 14 15.13 13.65 6.31
C GLN D 14 14.30 13.61 7.56
N HIS D 15 14.37 14.70 8.34
CA HIS D 15 13.60 14.86 9.57
C HIS D 15 13.88 13.72 10.52
N GLY D 16 15.05 13.13 10.46
CA GLY D 16 15.34 11.94 11.24
C GLY D 16 14.64 10.65 10.79
N PHE D 17 14.00 10.68 9.62
CA PHE D 17 13.41 9.49 9.01
C PHE D 17 14.40 8.93 8.00
N ARG D 18 14.92 7.72 8.26
CA ARG D 18 15.90 7.10 7.37
C ARG D 18 15.40 5.81 6.80
N ILE D 19 15.41 5.69 5.47
CA ILE D 19 15.09 4.44 4.79
C ILE D 19 16.34 3.99 4.03
N LEU D 20 16.81 2.79 4.33
CA LEU D 20 17.96 2.22 3.65
C LEU D 20 17.55 0.98 2.88
N PHE D 21 18.23 0.73 1.76
CA PHE D 21 18.13 -0.56 1.08
C PHE D 21 19.31 -1.40 1.48
N HIS D 22 19.05 -2.63 1.95
CA HIS D 22 20.13 -3.58 2.21
C HIS D 22 20.06 -4.75 1.20
N PHE D 23 21.16 -4.96 0.49
CA PHE D 23 21.22 -5.96 -0.58
C PHE D 23 21.76 -7.26 -0.06
N ALA D 24 21.09 -8.33 -0.44
CA ALA D 24 21.49 -9.65 -0.06
C ALA D 24 21.08 -10.64 -1.13
N ARG D 25 21.57 -11.87 -1.00
CA ARG D 25 21.04 -12.93 -1.80
C ARG D 25 20.38 -13.94 -0.89
N ASP D 26 19.32 -14.57 -1.42
CA ASP D 26 18.80 -15.79 -0.81
C ASP D 26 19.97 -16.73 -0.42
N PRO D 27 20.17 -17.02 0.87
CA PRO D 27 21.31 -17.83 1.33
C PRO D 27 21.24 -19.36 1.02
N LEU D 28 20.06 -19.85 0.63
CA LEU D 28 19.87 -21.25 0.24
C LEU D 28 20.00 -21.35 -1.29
N PRO D 29 20.34 -22.53 -1.81
CA PRO D 29 20.50 -22.70 -3.24
C PRO D 29 19.38 -22.03 -4.01
N GLY D 30 19.75 -21.22 -4.99
CA GLY D 30 18.78 -20.47 -5.76
C GLY D 30 19.36 -19.85 -7.02
N ARG D 31 18.50 -19.07 -7.66
CA ARG D 31 18.83 -18.57 -8.98
C ARG D 31 19.76 -17.37 -8.81
N SER D 32 20.84 -17.35 -9.56
CA SER D 32 21.78 -16.22 -9.58
C SER D 32 21.16 -14.90 -10.11
N ASP D 33 19.89 -14.97 -10.51
CA ASP D 33 19.22 -13.85 -11.20
C ASP D 33 18.35 -13.01 -10.26
N VAL D 34 18.23 -13.42 -8.99
CA VAL D 34 17.34 -12.76 -8.03
C VAL D 34 18.06 -12.04 -6.89
N LEU D 35 17.71 -10.76 -6.70
CA LEU D 35 18.22 -9.94 -5.60
C LEU D 35 17.18 -9.80 -4.48
N VAL D 36 17.66 -9.81 -3.25
CA VAL D 36 16.86 -9.58 -2.06
C VAL D 36 17.16 -8.18 -1.58
N VAL D 37 16.15 -7.32 -1.60
CA VAL D 37 16.28 -6.00 -1.04
C VAL D 37 15.48 -5.88 0.26
N VAL D 38 16.20 -5.62 1.34
CA VAL D 38 15.59 -5.37 2.63
C VAL D 38 15.57 -3.88 2.86
N VAL D 39 14.38 -3.31 3.03
CA VAL D 39 14.26 -1.88 3.30
C VAL D 39 13.95 -1.67 4.76
N SER D 40 14.79 -0.91 5.44
CA SER D 40 14.57 -0.59 6.84
C SER D 40 14.34 0.91 6.98
N MET D 41 13.34 1.24 7.80
CA MET D 41 12.95 2.60 8.08
C MET D 41 13.10 2.83 9.57
N LEU D 42 13.89 3.81 9.97
CA LEU D 42 14.03 4.17 11.38
C LEU D 42 13.76 5.64 11.59
N SER D 43 13.08 6.00 12.68
CA SER D 43 12.85 7.42 12.99
C SER D 43 13.55 7.87 14.27
N THR D 44 14.46 8.82 14.13
CA THR D 44 14.99 9.53 15.29
C THR D 44 14.23 10.83 15.59
N ALA D 45 13.16 11.09 14.82
CA ALA D 45 12.41 12.33 14.93
C ALA D 45 11.64 12.43 16.23
N PRO D 46 11.49 13.65 16.75
CA PRO D 46 10.71 13.87 17.99
C PRO D 46 9.20 13.64 17.80
N GLN D 47 8.67 13.78 16.58
CA GLN D 47 7.26 13.52 16.32
C GLN D 47 7.05 12.12 15.74
N PRO D 48 5.92 11.48 16.04
CA PRO D 48 5.60 10.18 15.45
C PRO D 48 5.37 10.29 13.94
N ILE D 49 5.59 9.18 13.24
CA ILE D 49 5.34 9.11 11.80
C ILE D 49 4.30 8.03 11.56
N ARG D 50 3.26 8.37 10.81
CA ARG D 50 2.15 7.45 10.59
C ARG D 50 1.78 7.42 9.11
N ASN D 51 0.97 6.46 8.72
CA ASN D 51 0.51 6.35 7.35
C ASN D 51 1.65 6.27 6.35
N ILE D 52 2.71 5.53 6.68
CA ILE D 52 3.81 5.24 5.74
C ILE D 52 3.38 4.37 4.54
N VAL D 53 3.66 4.87 3.33
CA VAL D 53 3.41 4.15 2.09
C VAL D 53 4.67 4.32 1.23
N PHE D 54 5.34 3.20 0.94
CA PHE D 54 6.53 3.23 0.10
C PHE D 54 6.31 2.55 -1.23
N GLN D 55 5.96 3.33 -2.23
CA GLN D 55 5.72 2.79 -3.54
C GLN D 55 7.03 2.67 -4.30
N SER D 56 7.23 1.52 -4.93
CA SER D 56 8.38 1.30 -5.77
C SER D 56 7.93 1.00 -7.20
N ALA D 57 8.65 1.59 -8.15
CA ALA D 57 8.43 1.34 -9.56
C ALA D 57 9.75 0.87 -10.15
N VAL D 58 9.76 -0.28 -10.78
CA VAL D 58 10.96 -0.80 -11.45
C VAL D 58 10.62 -1.15 -12.89
N PRO D 59 11.60 -1.16 -13.78
CA PRO D 59 11.35 -1.56 -15.18
C PRO D 59 10.61 -2.89 -15.25
N LYS D 60 9.62 -2.96 -16.12
CA LYS D 60 8.79 -4.15 -16.22
C LYS D 60 9.55 -5.36 -16.75
N VAL D 61 10.77 -5.14 -17.27
CA VAL D 61 11.61 -6.28 -17.70
C VAL D 61 12.20 -7.02 -16.51
N MET D 62 12.02 -6.50 -15.30
CA MET D 62 12.27 -7.24 -14.06
C MET D 62 10.97 -7.58 -13.36
N LYS D 63 10.99 -8.62 -12.54
CA LYS D 63 9.84 -8.96 -11.70
C LYS D 63 10.15 -8.62 -10.24
N VAL D 64 9.13 -8.16 -9.54
CA VAL D 64 9.27 -7.68 -8.18
C VAL D 64 8.23 -8.36 -7.31
N LYS D 65 8.67 -8.93 -6.20
CA LYS D 65 7.77 -9.57 -5.27
C LYS D 65 7.84 -8.80 -3.96
N LEU D 66 6.85 -7.94 -3.73
CA LEU D 66 6.79 -7.11 -2.54
C LEU D 66 6.16 -7.93 -1.42
N GLN D 67 6.88 -8.04 -0.30
CA GLN D 67 6.30 -8.54 0.93
C GLN D 67 5.76 -7.34 1.73
N PRO D 68 4.92 -7.61 2.70
CA PRO D 68 4.34 -6.52 3.49
C PRO D 68 5.34 -5.89 4.44
N PRO D 69 5.19 -4.60 4.72
CA PRO D 69 6.03 -3.95 5.72
C PRO D 69 5.58 -4.42 7.10
N SER D 70 6.50 -4.49 8.04
CA SER D 70 6.19 -4.93 9.40
C SER D 70 5.16 -4.00 10.07
N GLY D 71 5.11 -2.76 9.57
CA GLY D 71 4.21 -1.76 10.09
C GLY D 71 4.18 -0.54 9.17
N THR D 72 3.25 0.35 9.47
CA THR D 72 3.01 1.55 8.67
C THR D 72 3.27 2.82 9.50
N GLU D 73 3.74 2.65 10.73
CA GLU D 73 3.96 3.77 11.62
C GLU D 73 5.15 3.59 12.57
N LEU D 74 5.65 4.71 13.05
CA LEU D 74 6.76 4.73 14.00
C LEU D 74 6.48 5.66 15.21
N PRO D 75 6.93 5.24 16.39
CA PRO D 75 6.82 6.11 17.57
C PRO D 75 7.76 7.31 17.48
N ALA D 76 7.45 8.33 18.25
CA ALA D 76 8.34 9.48 18.42
C ALA D 76 9.59 8.97 19.06
N PHE D 77 10.74 9.48 18.63
CA PHE D 77 11.99 9.00 19.17
C PHE D 77 12.10 9.31 20.66
N ASN D 78 11.96 8.26 21.47
CA ASN D 78 12.25 8.32 22.89
C ASN D 78 13.73 7.95 23.08
N PRO D 79 14.61 8.96 23.28
CA PRO D 79 16.06 8.71 23.28
C PRO D 79 16.53 7.67 24.29
N ILE D 80 15.67 7.30 25.25
CA ILE D 80 16.07 6.43 26.35
C ILE D 80 15.80 4.96 26.10
N VAL D 81 14.68 4.64 25.44
CA VAL D 81 14.31 3.22 25.31
C VAL D 81 14.24 2.66 23.88
N HIS D 82 14.36 1.34 23.82
CA HIS D 82 14.25 0.50 22.61
C HIS D 82 13.57 1.17 21.40
N PRO D 83 14.35 1.65 20.41
CA PRO D 83 13.76 2.26 19.21
C PRO D 83 12.97 1.27 18.33
N SER D 84 12.10 1.82 17.49
CA SER D 84 11.25 1.03 16.63
C SER D 84 11.78 1.15 15.21
N ALA D 85 11.64 0.06 14.46
CA ALA D 85 11.96 0.05 13.03
C ALA D 85 10.83 -0.56 12.20
N ILE D 86 10.80 -0.21 10.93
CA ILE D 86 9.97 -0.89 9.95
C ILE D 86 10.95 -1.63 9.05
N THR D 87 10.57 -2.85 8.73
CA THR D 87 11.31 -3.66 7.79
C THR D 87 10.39 -4.12 6.70
N GLN D 88 10.87 -4.12 5.47
CA GLN D 88 10.07 -4.58 4.34
C GLN D 88 10.96 -5.33 3.35
N VAL D 89 10.63 -6.58 3.08
CA VAL D 89 11.47 -7.38 2.18
C VAL D 89 10.89 -7.33 0.77
N LEU D 90 11.75 -7.09 -0.19
CA LEU D 90 11.38 -7.05 -1.61
C LEU D 90 12.27 -8.04 -2.38
N LEU D 91 11.71 -8.72 -3.37
CA LEU D 91 12.47 -9.67 -4.16
C LEU D 91 12.46 -9.18 -5.61
N LEU D 92 13.62 -9.19 -6.24
CA LEU D 92 13.79 -8.62 -7.55
C LEU D 92 14.50 -9.63 -8.45
N ALA D 93 13.79 -10.18 -9.44
CA ALA D 93 14.39 -11.03 -10.47
C ALA D 93 14.76 -10.18 -11.68
N ASN D 94 15.93 -10.45 -12.27
CA ASN D 94 16.41 -9.65 -13.39
C ASN D 94 17.06 -10.57 -14.44
N PRO D 95 16.24 -11.37 -15.13
CA PRO D 95 16.75 -12.38 -16.07
C PRO D 95 17.57 -11.76 -17.19
N GLN D 96 17.25 -10.53 -17.57
CA GLN D 96 17.97 -9.84 -18.65
C GLN D 96 19.27 -9.16 -18.18
N LYS D 97 19.46 -9.07 -16.87
CA LYS D 97 20.69 -8.57 -16.26
C LYS D 97 21.01 -7.12 -16.64
N GLU D 98 19.99 -6.30 -16.84
CA GLU D 98 20.20 -4.89 -17.15
C GLU D 98 20.39 -4.09 -15.88
N LYS D 99 20.86 -2.87 -16.05
CA LYS D 99 21.12 -1.99 -14.93
C LYS D 99 19.78 -1.67 -14.24
N VAL D 100 19.70 -2.04 -12.96
CA VAL D 100 18.46 -1.91 -12.21
C VAL D 100 18.24 -0.44 -11.80
N ARG D 101 16.99 -0.02 -11.83
CA ARG D 101 16.58 1.30 -11.37
C ARG D 101 15.26 1.20 -10.62
N LEU D 102 15.10 1.97 -9.55
CA LEU D 102 13.87 1.93 -8.76
C LEU D 102 13.45 3.34 -8.39
N ARG D 103 12.30 3.74 -8.91
CA ARG D 103 11.71 5.05 -8.63
C ARG D 103 10.68 4.92 -7.51
N TYR D 104 10.78 5.77 -6.50
CA TYR D 104 9.86 5.66 -5.38
C TYR D 104 9.07 6.89 -5.09
N LYS D 105 7.96 6.66 -4.41
CA LYS D 105 7.12 7.72 -3.88
C LYS D 105 6.87 7.33 -2.43
N LEU D 106 7.33 8.19 -1.53
CA LEU D 106 7.21 8.02 -0.09
C LEU D 106 6.11 8.97 0.37
N THR D 107 5.13 8.42 1.06
CA THR D 107 4.07 9.19 1.65
C THR D 107 4.07 8.89 3.14
N PHE D 108 3.98 9.94 3.94
CA PHE D 108 3.83 9.79 5.37
C PHE D 108 3.32 11.04 6.08
N THR D 109 3.01 10.87 7.36
CA THR D 109 2.49 11.93 8.17
C THR D 109 3.35 12.07 9.41
N MET D 110 3.90 13.26 9.60
CA MET D 110 4.68 13.59 10.79
C MET D 110 4.12 14.84 11.38
N GLY D 111 3.67 14.71 12.63
CA GLY D 111 2.88 15.73 13.27
C GLY D 111 1.59 15.93 12.49
N ASP D 112 1.45 17.13 11.95
CA ASP D 112 0.25 17.51 11.25
C ASP D 112 0.47 17.50 9.73
N GLN D 113 1.72 17.62 9.32
CA GLN D 113 2.04 17.72 7.90
C GLN D 113 1.97 16.36 7.20
N THR D 114 1.53 16.37 5.96
CA THR D 114 1.64 15.21 5.08
C THR D 114 2.82 15.46 4.16
N TYR D 115 3.76 14.52 4.10
CA TYR D 115 4.87 14.59 3.15
C TYR D 115 4.68 13.69 1.92
N ASN D 116 5.19 14.16 0.79
CA ASN D 116 5.04 13.49 -0.49
C ASN D 116 6.40 13.58 -1.20
N GLU D 117 7.25 12.58 -1.01
CA GLU D 117 8.63 12.65 -1.46
C GLU D 117 8.85 11.72 -2.64
N MET D 118 9.80 12.05 -3.48
CA MET D 118 10.14 11.25 -4.64
C MET D 118 11.61 10.99 -4.61
N GLY D 119 12.03 9.98 -5.35
CA GLY D 119 13.44 9.69 -5.44
C GLY D 119 13.71 8.59 -6.43
N ASP D 120 14.96 8.51 -6.82
CA ASP D 120 15.39 7.64 -7.88
C ASP D 120 16.62 6.89 -7.38
N VAL D 121 16.54 5.57 -7.35
CA VAL D 121 17.64 4.74 -6.85
C VAL D 121 18.29 3.94 -7.97
N ASP D 122 19.55 4.25 -8.24
CA ASP D 122 20.32 3.50 -9.26
C ASP D 122 21.57 2.80 -8.71
N GLN D 123 21.85 2.97 -7.42
CA GLN D 123 22.99 2.31 -6.78
C GLN D 123 22.70 0.87 -6.37
N PHE D 124 22.21 0.07 -7.30
CA PHE D 124 22.04 -1.35 -7.04
C PHE D 124 23.36 -1.97 -7.43
N PRO D 125 23.68 -3.12 -6.87
CA PRO D 125 24.87 -3.85 -7.27
C PRO D 125 24.70 -4.42 -8.68
N PRO D 126 25.74 -4.38 -9.51
CA PRO D 126 25.72 -5.06 -10.82
C PRO D 126 25.17 -6.49 -10.70
N PRO D 127 24.29 -6.91 -11.61
CA PRO D 127 23.70 -8.25 -11.61
C PRO D 127 24.70 -9.43 -11.68
N GLU D 128 25.93 -9.15 -12.10
CA GLU D 128 26.97 -10.17 -12.20
C GLU D 128 27.58 -10.46 -10.82
N THR D 129 27.30 -9.56 -9.87
CA THR D 129 27.73 -9.67 -8.47
C THR D 129 26.70 -10.41 -7.60
N TRP D 130 25.49 -10.62 -8.14
CA TRP D 130 24.35 -11.08 -7.33
C TRP D 130 24.53 -12.47 -6.74
N GLY D 131 25.24 -13.32 -7.45
CA GLY D 131 25.55 -14.67 -6.97
C GLY D 131 26.62 -14.73 -5.91
N SER D 132 27.34 -13.64 -5.67
CA SER D 132 28.41 -13.62 -4.67
C SER D 132 28.33 -12.52 -3.58
N LEU D 133 27.27 -11.71 -3.56
CA LEU D 133 27.16 -10.63 -2.58
C LEU D 133 26.59 -11.13 -1.28
#